data_4GH9
#
_entry.id   4GH9
#
_cell.length_a   42.524
_cell.length_b   90.880
_cell.length_c   65.925
_cell.angle_alpha   90.00
_cell.angle_beta   90.00
_cell.angle_gamma   90.00
#
_symmetry.space_group_name_H-M   'C 2 2 21'
#
loop_
_entity.id
_entity.type
_entity.pdbx_description
1 polymer 'Polymerase cofactor VP35'
2 non-polymer 'ACETATE ION'
3 water water
#
_entity_poly.entity_id   1
_entity_poly.type   'polypeptide(L)'
_entity_poly.pdbx_seq_one_letter_code
;MAHHHHHHVDDDDKENLYFQSKPNLSAKDLALLLFTHLPGNNTPFHILAQVLSKIAYKSGKSGAFLDAFHQILSEGENAQ
AALTRLSRTFDAFLGVVPPVIRVKNFQTVPRPCQKSLRAVPPNPTIDKGWVCVYSSEQGETRALKI
;
_entity_poly.pdbx_strand_id   A
#
loop_
_chem_comp.id
_chem_comp.type
_chem_comp.name
_chem_comp.formula
ACT non-polymer 'ACETATE ION' 'C2 H3 O2 -1'
#
# COMPACT_ATOMS: atom_id res chain seq x y z
N LEU A 25 6.31 16.50 6.89
CA LEU A 25 5.19 15.86 6.22
C LEU A 25 4.82 14.53 6.90
N SER A 26 3.62 14.47 7.46
CA SER A 26 3.17 13.29 8.19
C SER A 26 2.79 12.17 7.22
N ALA A 27 2.75 10.94 7.73
CA ALA A 27 2.28 9.81 6.95
C ALA A 27 0.85 10.06 6.47
N LYS A 28 0.03 10.58 7.39
CA LYS A 28 -1.35 10.93 7.05
C LYS A 28 -1.45 11.89 5.84
N ASP A 29 -0.71 12.99 5.90
CA ASP A 29 -0.80 13.96 4.83
C ASP A 29 -0.16 13.49 3.54
N LEU A 30 0.89 12.69 3.67
CA LEU A 30 1.50 12.07 2.51
C LEU A 30 0.47 11.17 1.82
N ALA A 31 -0.21 10.35 2.61
CA ALA A 31 -1.23 9.46 2.05
C ALA A 31 -2.33 10.26 1.36
N LEU A 32 -2.80 11.32 2.02
CA LEU A 32 -3.81 12.19 1.41
C LEU A 32 -3.33 12.81 0.09
N LEU A 33 -2.08 13.24 0.04
CA LEU A 33 -1.54 13.77 -1.20
C LEU A 33 -1.57 12.74 -2.32
N LEU A 34 -1.21 11.49 -1.99
CA LEU A 34 -1.24 10.42 -2.96
C LEU A 34 -2.68 10.16 -3.41
N PHE A 35 -3.62 10.24 -2.46
CA PHE A 35 -5.02 10.01 -2.76
C PHE A 35 -5.54 10.95 -3.86
N THR A 36 -4.97 12.16 -3.95
CA THR A 36 -5.47 13.12 -4.91
C THR A 36 -5.25 12.68 -6.35
N HIS A 37 -4.38 11.67 -6.54
CA HIS A 37 -4.02 11.19 -7.86
C HIS A 37 -4.63 9.84 -8.18
N LEU A 38 -5.36 9.24 -7.24
CA LEU A 38 -5.86 7.88 -7.42
C LEU A 38 -7.33 7.86 -7.83
N PRO A 39 -7.66 7.00 -8.81
CA PRO A 39 -9.06 6.83 -9.20
C PRO A 39 -9.83 6.08 -8.14
N GLY A 40 -11.13 6.34 -8.07
CA GLY A 40 -11.99 5.64 -7.13
C GLY A 40 -11.70 5.95 -5.68
N ASN A 41 -12.19 5.06 -4.80
CA ASN A 41 -12.08 5.23 -3.36
C ASN A 41 -11.89 3.87 -2.71
N ASN A 42 -11.12 3.84 -1.62
CA ASN A 42 -10.94 2.59 -0.86
C ASN A 42 -10.48 1.42 -1.72
N THR A 43 -9.65 1.69 -2.72
CA THR A 43 -9.12 0.66 -3.59
C THR A 43 -7.83 0.09 -3.00
N PRO A 44 -7.33 -1.04 -3.54
CA PRO A 44 -6.06 -1.56 -3.02
C PRO A 44 -4.91 -0.56 -3.14
N PHE A 45 -5.01 0.36 -4.07
CA PHE A 45 -3.97 1.38 -4.22
C PHE A 45 -4.06 2.44 -3.14
N HIS A 46 -5.25 2.65 -2.60
CA HIS A 46 -5.40 3.55 -1.48
C HIS A 46 -4.77 2.91 -0.24
N ILE A 47 -5.04 1.63 -0.03
CA ILE A 47 -4.38 0.92 1.05
C ILE A 47 -2.86 0.95 0.88
N LEU A 48 -2.40 0.69 -0.34
CA LEU A 48 -0.96 0.70 -0.61
C LEU A 48 -0.37 2.07 -0.28
N ALA A 49 -1.07 3.12 -0.70
CA ALA A 49 -0.62 4.49 -0.42
C ALA A 49 -0.44 4.72 1.08
N GLN A 50 -1.38 4.22 1.87
CA GLN A 50 -1.30 4.35 3.32
C GLN A 50 -0.13 3.56 3.90
N VAL A 51 0.01 2.32 3.43
CA VAL A 51 1.08 1.44 3.91
C VAL A 51 2.46 2.00 3.58
N LEU A 52 2.64 2.44 2.33
CA LEU A 52 3.91 3.03 1.90
C LEU A 52 4.21 4.34 2.62
N SER A 53 3.18 5.14 2.85
CA SER A 53 3.35 6.44 3.48
C SER A 53 3.89 6.26 4.89
N LYS A 54 3.36 5.27 5.61
CA LYS A 54 3.80 5.03 6.97
C LYS A 54 5.27 4.57 6.99
N ILE A 55 5.61 3.67 6.10
CA ILE A 55 6.97 3.15 6.03
C ILE A 55 7.95 4.25 5.62
N ALA A 56 7.58 5.04 4.62
CA ALA A 56 8.43 6.16 4.19
C ALA A 56 8.64 7.13 5.33
N TYR A 57 7.55 7.47 6.02
CA TYR A 57 7.65 8.40 7.15
C TYR A 57 8.62 7.90 8.22
N LYS A 58 8.47 6.63 8.62
CA LYS A 58 9.28 6.05 9.69
C LYS A 58 10.75 5.93 9.30
N SER A 59 11.01 5.91 8.00
CA SER A 59 12.37 5.77 7.47
C SER A 59 13.06 7.11 7.29
N GLY A 60 12.35 8.19 7.63
CA GLY A 60 12.91 9.52 7.48
C GLY A 60 12.93 9.97 6.03
N LYS A 61 12.07 9.34 5.22
CA LYS A 61 12.08 9.57 3.78
C LYS A 61 10.75 9.96 3.16
N SER A 62 9.85 10.54 3.94
CA SER A 62 8.56 10.96 3.39
C SER A 62 8.76 11.96 2.24
N GLY A 63 9.64 12.94 2.45
CA GLY A 63 9.95 13.91 1.42
C GLY A 63 10.52 13.29 0.16
N ALA A 64 11.53 12.44 0.31
CA ALA A 64 12.16 11.80 -0.84
C ALA A 64 11.18 10.90 -1.59
N PHE A 65 10.31 10.22 -0.85
CA PHE A 65 9.28 9.40 -1.46
C PHE A 65 8.32 10.24 -2.30
N LEU A 66 7.85 11.34 -1.72
CA LEU A 66 6.95 12.24 -2.45
C LEU A 66 7.62 12.79 -3.71
N ASP A 67 8.89 13.19 -3.59
CA ASP A 67 9.63 13.71 -4.74
C ASP A 67 9.80 12.64 -5.83
N ALA A 68 10.03 11.40 -5.42
CA ALA A 68 10.21 10.29 -6.35
C ALA A 68 8.90 9.99 -7.06
N PHE A 69 7.81 10.01 -6.28
CA PHE A 69 6.48 9.84 -6.82
C PHE A 69 6.18 10.92 -7.85
N HIS A 70 6.45 12.17 -7.50
CA HIS A 70 6.19 13.27 -8.44
C HIS A 70 7.00 13.14 -9.71
N GLN A 71 8.23 12.64 -9.57
CA GLN A 71 9.09 12.45 -10.73
C GLN A 71 8.46 11.46 -11.71
N ILE A 72 7.96 10.35 -11.16
CA ILE A 72 7.37 9.32 -12.01
C ILE A 72 6.11 9.84 -12.71
N LEU A 73 5.26 10.57 -11.98
CA LEU A 73 4.09 11.20 -12.58
C LEU A 73 4.46 12.11 -13.73
N SER A 74 5.58 12.82 -13.60
CA SER A 74 5.99 13.79 -14.61
C SER A 74 6.45 13.12 -15.89
N GLU A 75 6.74 11.81 -15.78
CA GLU A 75 7.15 11.02 -16.92
C GLU A 75 5.97 10.35 -17.62
N GLY A 76 4.75 10.67 -17.18
CA GLY A 76 3.56 10.22 -17.86
C GLY A 76 2.88 9.01 -17.24
N GLU A 77 3.51 8.47 -16.20
CA GLU A 77 2.90 7.37 -15.49
C GLU A 77 1.87 7.95 -14.55
N ASN A 78 0.72 7.30 -14.43
CA ASN A 78 -0.25 7.70 -13.44
C ASN A 78 0.01 7.01 -12.10
N ALA A 79 -0.77 7.36 -11.09
CA ALA A 79 -0.42 7.05 -9.71
C ALA A 79 -0.43 5.56 -9.36
N GLN A 80 -1.35 4.79 -9.96
CA GLN A 80 -1.40 3.36 -9.62
C GLN A 80 -0.08 2.67 -9.97
N ALA A 81 0.36 2.89 -11.20
CA ALA A 81 1.59 2.28 -11.68
C ALA A 81 2.81 2.88 -10.98
N ALA A 82 2.77 4.19 -10.71
CA ALA A 82 3.86 4.86 -10.00
C ALA A 82 4.06 4.21 -8.62
N LEU A 83 2.98 3.90 -7.94
CA LEU A 83 3.06 3.33 -6.60
C LEU A 83 3.57 1.90 -6.59
N THR A 84 3.11 1.07 -7.52
CA THR A 84 3.64 -0.28 -7.60
C THR A 84 5.11 -0.23 -8.00
N ARG A 85 5.45 0.68 -8.90
CA ARG A 85 6.85 0.87 -9.28
C ARG A 85 7.69 1.25 -8.05
N LEU A 86 7.24 2.24 -7.29
CA LEU A 86 7.97 2.66 -6.10
C LEU A 86 8.07 1.55 -5.06
N SER A 87 7.00 0.78 -4.91
CA SER A 87 7.00 -0.30 -3.93
C SER A 87 8.12 -1.32 -4.19
N ARG A 88 8.56 -1.43 -5.44
CA ARG A 88 9.59 -2.41 -5.77
C ARG A 88 10.98 -1.80 -6.04
N THR A 89 11.10 -0.48 -5.95
CA THR A 89 12.39 0.18 -6.21
C THR A 89 12.89 1.10 -5.10
N PHE A 90 11.98 1.74 -4.37
CA PHE A 90 12.36 2.74 -3.38
C PHE A 90 12.95 2.00 -2.18
N ASP A 91 14.12 2.43 -1.72
CA ASP A 91 14.88 1.62 -0.75
C ASP A 91 14.18 1.33 0.58
N ALA A 92 13.33 2.25 1.01
CA ALA A 92 12.61 2.08 2.27
C ALA A 92 11.65 0.89 2.25
N PHE A 93 11.29 0.41 1.06
CA PHE A 93 10.23 -0.61 0.94
C PHE A 93 10.76 -2.01 0.66
N LEU A 94 12.06 -2.12 0.38
CA LEU A 94 12.60 -3.38 -0.08
C LEU A 94 12.63 -4.44 1.02
N GLY A 95 11.98 -5.56 0.76
CA GLY A 95 11.97 -6.68 1.68
C GLY A 95 11.08 -6.52 2.90
N VAL A 96 10.39 -5.39 2.99
CA VAL A 96 9.51 -5.13 4.12
C VAL A 96 8.26 -6.01 4.05
N VAL A 97 7.96 -6.66 5.17
CA VAL A 97 6.77 -7.53 5.25
C VAL A 97 5.51 -6.67 5.43
N PRO A 98 4.38 -7.13 4.87
CA PRO A 98 3.15 -6.31 4.97
C PRO A 98 2.64 -6.24 6.39
N PRO A 99 1.99 -5.13 6.76
CA PRO A 99 1.38 -5.03 8.09
C PRO A 99 0.16 -5.93 8.19
N VAL A 100 -0.12 -6.39 9.41
CA VAL A 100 -1.37 -7.10 9.68
C VAL A 100 -2.42 -6.09 10.16
N ILE A 101 -3.57 -6.09 9.50
CA ILE A 101 -4.69 -5.21 9.86
C ILE A 101 -5.83 -6.05 10.40
N ARG A 102 -6.24 -5.79 11.63
CA ARG A 102 -7.29 -6.57 12.25
C ARG A 102 -8.68 -6.14 11.79
N VAL A 103 -9.53 -7.12 11.50
CA VAL A 103 -10.91 -6.87 11.11
C VAL A 103 -11.82 -7.84 11.88
N LYS A 104 -13.08 -7.46 12.06
CA LYS A 104 -14.06 -8.38 12.65
C LYS A 104 -14.19 -9.60 11.75
N ASN A 105 -14.36 -9.34 10.46
CA ASN A 105 -14.44 -10.37 9.44
C ASN A 105 -14.07 -9.75 8.11
N PHE A 106 -14.04 -10.54 7.05
CA PHE A 106 -13.54 -9.99 5.78
C PHE A 106 -14.57 -9.11 5.10
N GLN A 107 -15.81 -9.17 5.56
CA GLN A 107 -16.85 -8.23 5.13
C GLN A 107 -16.43 -6.78 5.44
N THR A 108 -15.58 -6.63 6.44
CA THR A 108 -15.09 -5.32 6.87
C THR A 108 -14.15 -4.68 5.83
N VAL A 109 -13.45 -5.52 5.08
CA VAL A 109 -12.54 -5.06 4.04
C VAL A 109 -13.36 -4.28 2.98
N PRO A 110 -12.88 -3.10 2.56
CA PRO A 110 -13.71 -2.29 1.65
C PRO A 110 -14.09 -3.05 0.38
N ARG A 111 -15.31 -2.80 -0.11
CA ARG A 111 -15.79 -3.43 -1.33
C ARG A 111 -14.79 -3.43 -2.50
N PRO A 112 -14.17 -2.27 -2.81
CA PRO A 112 -13.23 -2.29 -3.95
C PRO A 112 -11.96 -3.12 -3.72
N CYS A 113 -11.77 -3.65 -2.52
CA CYS A 113 -10.60 -4.48 -2.22
C CYS A 113 -10.93 -5.97 -2.19
N GLN A 114 -12.21 -6.31 -2.15
CA GLN A 114 -12.61 -7.71 -1.97
C GLN A 114 -12.03 -8.66 -3.01
N LYS A 115 -12.06 -8.26 -4.27
CA LYS A 115 -11.63 -9.14 -5.35
C LYS A 115 -10.11 -9.32 -5.40
N SER A 116 -9.40 -8.51 -4.61
CA SER A 116 -7.96 -8.60 -4.55
C SER A 116 -7.46 -9.39 -3.34
N LEU A 117 -8.39 -9.97 -2.58
CA LEU A 117 -8.00 -10.79 -1.43
C LEU A 117 -7.51 -12.17 -1.86
N ARG A 118 -6.45 -12.65 -1.22
CA ARG A 118 -5.88 -13.95 -1.54
C ARG A 118 -5.52 -14.69 -0.25
N ALA A 119 -5.34 -16.00 -0.35
CA ALA A 119 -4.70 -16.75 0.71
C ALA A 119 -3.32 -16.15 0.95
N VAL A 120 -2.89 -16.09 2.21
CA VAL A 120 -1.55 -15.57 2.51
C VAL A 120 -0.50 -16.55 2.01
N PRO A 121 0.49 -16.05 1.25
CA PRO A 121 1.60 -16.86 0.73
C PRO A 121 2.66 -17.10 1.81
N PRO A 122 3.64 -17.99 1.56
CA PRO A 122 4.70 -18.29 2.53
C PRO A 122 5.44 -17.05 3.04
N ASN A 123 6.00 -16.26 2.13
CA ASN A 123 6.78 -15.11 2.55
C ASN A 123 6.37 -13.82 1.86
N PRO A 124 5.21 -13.26 2.25
CA PRO A 124 4.77 -12.04 1.57
C PRO A 124 5.66 -10.84 1.89
N THR A 125 5.94 -10.06 0.86
CA THR A 125 6.61 -8.78 1.03
C THR A 125 5.90 -7.74 0.18
N ILE A 126 5.98 -6.49 0.61
CA ILE A 126 5.33 -5.39 -0.09
C ILE A 126 5.88 -5.26 -1.51
N ASP A 127 7.19 -5.46 -1.68
CA ASP A 127 7.81 -5.30 -2.98
C ASP A 127 7.46 -6.41 -3.97
N LYS A 128 6.69 -7.40 -3.51
CA LYS A 128 6.18 -8.44 -4.40
C LYS A 128 4.67 -8.35 -4.63
N GLY A 129 4.08 -7.22 -4.22
CA GLY A 129 2.67 -6.97 -4.48
C GLY A 129 1.72 -7.29 -3.34
N TRP A 130 2.28 -7.60 -2.18
CA TRP A 130 1.44 -7.97 -1.04
C TRP A 130 1.31 -6.77 -0.11
N VAL A 131 0.16 -6.11 -0.19
CA VAL A 131 -0.02 -4.80 0.44
C VAL A 131 -0.18 -4.88 1.95
N CYS A 132 -1.01 -5.82 2.40
CA CYS A 132 -1.28 -6.01 3.82
C CYS A 132 -1.85 -7.39 4.02
N VAL A 133 -1.94 -7.81 5.27
CA VAL A 133 -2.60 -9.06 5.63
C VAL A 133 -3.76 -8.72 6.54
N TYR A 134 -4.98 -9.09 6.14
CA TYR A 134 -6.14 -8.86 6.99
C TYR A 134 -6.31 -10.08 7.87
N SER A 135 -6.54 -9.85 9.16
CA SER A 135 -6.67 -10.93 10.12
C SER A 135 -8.00 -10.82 10.83
N SER A 136 -8.85 -11.85 10.73
CA SER A 136 -10.15 -11.76 11.37
C SER A 136 -10.00 -12.08 12.85
N GLU A 137 -11.10 -11.89 13.57
CA GLU A 137 -11.19 -12.13 15.00
C GLU A 137 -10.56 -13.47 15.42
N GLN A 138 -10.74 -14.47 14.56
CA GLN A 138 -10.32 -15.85 14.85
C GLN A 138 -8.90 -16.15 14.39
N GLY A 139 -8.31 -15.20 13.68
CA GLY A 139 -6.98 -15.41 13.13
C GLY A 139 -7.04 -16.07 11.76
N GLU A 140 -8.21 -16.08 11.13
CA GLU A 140 -8.24 -16.37 9.70
C GLU A 140 -7.66 -15.18 9.00
N THR A 141 -6.88 -15.43 7.95
CA THR A 141 -6.12 -14.39 7.29
C THR A 141 -6.31 -14.37 5.77
N ARG A 142 -6.21 -13.17 5.19
CA ARG A 142 -6.18 -13.00 3.74
C ARG A 142 -5.16 -11.93 3.45
N ALA A 143 -4.41 -12.08 2.37
CA ALA A 143 -3.53 -11.00 1.95
C ALA A 143 -4.16 -10.20 0.80
N LEU A 144 -3.88 -8.90 0.78
CA LEU A 144 -4.34 -8.03 -0.30
C LEU A 144 -3.27 -7.97 -1.39
N LYS A 145 -3.63 -8.40 -2.59
CA LYS A 145 -2.65 -8.53 -3.68
C LYS A 145 -2.84 -7.45 -4.74
N ILE A 146 -1.74 -6.86 -5.17
CA ILE A 146 -1.75 -5.78 -6.14
C ILE A 146 -0.70 -6.05 -7.22
C ACT B . 10.05 -0.72 -12.23
O ACT B . 10.06 -1.68 -11.43
OXT ACT B . 9.07 -0.65 -13.01
CH3 ACT B . 11.15 0.31 -12.25
C ACT C . 0.67 16.40 -4.63
O ACT C . 1.03 15.34 -5.18
OXT ACT C . 1.57 17.09 -4.11
CH3 ACT C . -0.79 16.81 -4.59
C ACT D . 0.80 -19.48 4.91
O ACT D . 1.50 -18.50 5.25
OXT ACT D . -0.38 -19.48 5.30
CH3 ACT D . 1.36 -20.60 4.07
C ACT E . -12.22 8.82 -10.03
O ACT E . -11.58 9.89 -10.15
OXT ACT E . -12.90 8.70 -8.99
CH3 ACT E . -12.19 7.75 -11.08
C ACT F . 6.16 -6.51 -7.73
O ACT F . 6.28 -5.29 -7.97
OXT ACT F . 5.08 -6.84 -7.20
CH3 ACT F . 7.22 -7.50 -8.06
C ACT G . -16.71 0.06 1.32
O ACT G . -16.95 0.84 0.37
OXT ACT G . -17.08 -1.12 1.16
CH3 ACT G . -16.01 0.51 2.57
#